data_1GJ9
#
_entry.id   1GJ9
#
_cell.length_a   81.61
_cell.length_b   50.37
_cell.length_c   65.92
_cell.angle_alpha   90.0
_cell.angle_beta   113.04
_cell.angle_gamma   90.0
#
_symmetry.space_group_name_H-M   'C 1 2 1'
#
loop_
_entity.id
_entity.type
_entity.pdbx_description
1 polymer 'UROKINASE-TYPE PLASMINOGEN ACTIVATOR'
2 polymer 'UROKINASE-TYPE PLASMINOGEN ACTIVATOR'
3 non-polymer 'CITRIC ACID'
4 non-polymer 6-FLUORO-2-[2-HYDROXY-3-(2-METHYL-CYCLOHEXYLOXY)-PHENYL]-1H-INDOLE-5-CARBOXAMIDINE
5 water water
#
loop_
_entity_poly.entity_id
_entity_poly.type
_entity_poly.pdbx_seq_one_letter_code
_entity_poly.pdbx_strand_id
1 'polypeptide(L)' KPSSPPEELKFQCGQKTLRPRFK A
2 'polypeptide(L)'
;IIGGEFTTIENQPWFAAIYRRHRGGSVTYVCGGSLMSPCWVISATHCFIDYPKKEDYIVYLGRSRLNSNTQGEMKFEVEN
LILHKDYSADTLAHHNDIALLKIRSKEGRCAQPSRTIQTICLPSMYNDPQFGTSCEITGFGKEASTDYLYPEQLKMTVVK
LISHRECQQPHYYGSEVTTKMLCAADPQWKTDSCQGDSGGPLVCSLQGRMTLTGIVSWGRGCALKDKPGVYTRVSHFLPW
IRSHTKEENGLAL
;
B
#
loop_
_chem_comp.id
_chem_comp.type
_chem_comp.name
_chem_comp.formula
134 non-polymer 6-FLUORO-2-[2-HYDROXY-3-(2-METHYL-CYCLOHEXYLOXY)-PHENYL]-1H-INDOLE-5-CARBOXAMIDINE 'C22 H24 F N3 O2'
CIT non-polymer 'CITRIC ACID' 'C6 H8 O7'
#
# COMPACT_ATOMS: atom_id res chain seq x y z
N LEU A 9 5.77 16.55 16.42
CA LEU A 9 6.24 16.26 17.81
C LEU A 9 6.48 14.73 17.92
N LYS A 10 5.47 13.96 18.19
CA LYS A 10 5.60 12.47 18.31
C LYS A 10 4.53 11.87 17.37
N PHE A 11 4.61 10.60 17.11
CA PHE A 11 3.65 9.91 16.22
C PHE A 11 2.26 9.73 16.86
N GLN A 12 1.26 10.02 16.06
CA GLN A 12 -0.18 9.93 16.43
C GLN A 12 -0.66 9.33 15.13
N CYS A 13 -0.75 8.03 15.11
CA CYS A 13 -1.21 7.35 13.88
C CYS A 13 -2.47 7.95 13.30
N GLY A 14 -2.55 7.96 11.99
CA GLY A 14 -3.75 8.52 11.30
C GLY A 14 -3.91 10.04 11.30
N GLN A 15 -3.03 10.75 11.95
CA GLN A 15 -3.18 12.25 11.96
C GLN A 15 -2.33 12.93 10.89
N LYS A 16 -2.96 13.77 10.12
CA LYS A 16 -2.27 14.53 9.03
C LYS A 16 -2.19 15.93 9.67
N THR A 17 -1.34 16.80 9.22
CA THR A 17 -1.22 18.15 9.81
C THR A 17 -0.98 19.16 8.65
N LEU A 18 -2.00 19.90 8.34
CA LEU A 18 -1.95 20.93 7.25
C LEU A 18 -2.72 22.10 7.89
N ILE B 1 -2.57 5.08 -10.23
CA ILE B 1 -3.97 5.46 -9.96
C ILE B 1 -4.50 5.97 -11.30
N ILE B 2 -5.69 5.54 -11.61
CA ILE B 2 -6.37 5.91 -12.88
C ILE B 2 -7.31 6.97 -12.33
N GLY B 3 -7.24 8.16 -12.84
CA GLY B 3 -8.14 9.22 -12.33
C GLY B 3 -7.52 9.69 -11.05
N GLY B 4 -8.33 10.27 -10.20
CA GLY B 4 -7.73 10.71 -8.92
C GLY B 4 -7.25 12.15 -9.07
N GLU B 5 -6.51 12.56 -8.08
CA GLU B 5 -5.95 13.94 -8.06
C GLU B 5 -4.48 13.74 -7.77
N PHE B 6 -3.72 14.77 -8.01
CA PHE B 6 -2.26 14.72 -7.75
C PHE B 6 -2.27 15.28 -6.34
N THR B 7 -1.38 14.82 -5.50
CA THR B 7 -1.34 15.32 -4.13
C THR B 7 0.10 15.44 -3.68
N THR B 8 0.26 15.67 -2.40
CA THR B 8 1.58 15.82 -1.76
C THR B 8 1.55 14.89 -0.55
N ILE B 9 2.69 14.50 -0.14
CA ILE B 9 2.84 13.59 1.00
C ILE B 9 2.22 14.18 2.29
N GLU B 10 2.01 15.47 2.43
CA GLU B 10 1.38 15.93 3.72
C GLU B 10 -0.01 15.34 3.80
N ASN B 11 -0.54 14.93 2.70
CA ASN B 11 -1.92 14.34 2.67
C ASN B 11 -1.92 12.85 2.91
N GLN B 12 -0.76 12.24 2.95
CA GLN B 12 -0.63 10.76 3.18
C GLN B 12 0.67 10.44 3.89
N PRO B 13 0.88 11.02 5.03
CA PRO B 13 2.24 11.12 5.58
C PRO B 13 2.79 9.72 5.99
N TRP B 14 1.95 8.73 5.87
CA TRP B 14 2.39 7.32 6.24
C TRP B 14 2.76 6.52 4.98
N PHE B 15 2.71 7.17 3.84
CA PHE B 15 3.06 6.45 2.56
C PHE B 15 4.60 6.34 2.43
N ALA B 16 5.02 5.14 2.10
CA ALA B 16 6.44 4.78 1.93
C ALA B 16 6.62 4.34 0.47
N ALA B 17 7.69 4.82 -0.12
CA ALA B 17 8.05 4.51 -1.54
C ALA B 17 9.26 3.56 -1.49
N ILE B 18 9.11 2.43 -2.11
CA ILE B 18 10.18 1.42 -2.13
C ILE B 18 10.73 1.31 -3.57
N TYR B 19 12.03 1.36 -3.63
CA TYR B 19 12.76 1.28 -4.92
C TYR B 19 13.81 0.20 -4.85
N ARG B 20 14.35 -0.17 -5.98
CA ARG B 20 15.36 -1.20 -6.04
C ARG B 20 16.53 -0.60 -6.80
N ARG B 21 17.69 -0.97 -6.36
CA ARG B 21 18.96 -0.51 -6.96
C ARG B 21 19.35 -1.60 -7.95
N HIS B 22 20.05 -1.17 -8.95
CA HIS B 22 20.52 -2.09 -10.01
C HIS B 22 22.00 -1.81 -10.11
N ARG B 23 22.72 -2.80 -10.55
CA ARG B 23 24.18 -2.61 -10.69
C ARG B 23 24.07 -1.99 -12.08
N GLY B 24 24.63 -0.83 -12.18
CA GLY B 24 24.57 -0.08 -13.47
C GLY B 24 24.33 1.39 -13.11
N GLY B 25 23.69 1.64 -11.98
CA GLY B 25 23.41 3.04 -11.53
C GLY B 25 21.94 3.41 -11.37
N SER B 26 21.07 2.79 -12.12
CA SER B 26 19.64 3.18 -11.96
C SER B 26 19.00 2.59 -10.71
N VAL B 27 17.99 3.29 -10.29
CA VAL B 27 17.16 2.98 -9.10
C VAL B 27 15.77 3.03 -9.73
N THR B 28 15.02 1.97 -9.61
CA THR B 28 13.64 1.93 -10.20
C THR B 28 12.62 1.72 -9.09
N TYR B 29 11.46 2.26 -9.28
CA TYR B 29 10.37 2.13 -8.27
C TYR B 29 9.91 0.68 -8.25
N VAL B 30 9.50 0.23 -7.11
CA VAL B 30 9.02 -1.16 -7.01
C VAL B 30 7.55 -1.11 -6.56
N CYS B 31 7.32 -0.70 -5.34
CA CYS B 31 5.93 -0.63 -4.80
C CYS B 31 5.85 0.37 -3.68
N GLY B 32 4.63 0.57 -3.24
CA GLY B 32 4.38 1.52 -2.14
C GLY B 32 4.28 0.69 -0.87
N GLY B 33 4.13 1.35 0.22
CA GLY B 33 4.02 0.69 1.56
C GLY B 33 3.42 1.73 2.47
N SER B 34 3.28 1.36 3.71
CA SER B 34 2.72 2.28 4.74
C SER B 34 3.55 2.11 6.02
N LEU B 35 3.74 3.17 6.77
CA LEU B 35 4.54 3.14 8.03
C LEU B 35 3.57 2.77 9.19
N MET B 36 3.86 1.70 9.89
CA MET B 36 2.94 1.27 11.03
C MET B 36 3.44 1.72 12.39
N SER B 37 4.73 1.80 12.48
CA SER B 37 5.42 2.25 13.73
C SER B 37 6.78 2.75 13.24
N PRO B 38 7.53 3.39 14.06
CA PRO B 38 8.79 4.03 13.61
C PRO B 38 9.74 3.17 12.77
N CYS B 39 9.83 1.91 13.11
CA CYS B 39 10.75 1.02 12.37
C CYS B 39 10.12 0.02 11.41
N TRP B 40 8.83 0.03 11.24
CA TRP B 40 8.24 -0.97 10.30
C TRP B 40 7.32 -0.40 9.24
N VAL B 41 7.48 -0.92 8.04
CA VAL B 41 6.63 -0.49 6.92
C VAL B 41 5.95 -1.81 6.47
N ILE B 42 4.70 -1.76 6.08
CA ILE B 42 4.00 -2.99 5.62
C ILE B 42 3.70 -2.68 4.11
N SER B 43 3.83 -3.72 3.33
CA SER B 43 3.59 -3.65 1.86
C SER B 43 3.04 -5.05 1.46
N ALA B 44 3.28 -5.45 0.24
CA ALA B 44 2.80 -6.76 -0.29
C ALA B 44 3.96 -7.69 -0.64
N THR B 45 3.83 -8.94 -0.30
CA THR B 45 4.91 -9.95 -0.61
C THR B 45 5.18 -10.08 -2.14
N HIS B 46 4.15 -10.03 -2.95
CA HIS B 46 4.38 -10.17 -4.42
C HIS B 46 5.35 -9.09 -4.96
N CYS B 47 5.55 -8.01 -4.25
CA CYS B 47 6.48 -6.93 -4.72
C CYS B 47 7.98 -7.38 -4.56
N PHE B 48 8.24 -8.22 -3.59
CA PHE B 48 9.64 -8.73 -3.32
C PHE B 48 9.93 -10.15 -3.75
N ILE B 49 8.91 -10.95 -3.78
CA ILE B 49 9.04 -12.38 -4.18
C ILE B 49 10.03 -12.80 -5.25
N ASP B 50 10.12 -12.02 -6.29
CA ASP B 50 11.06 -12.40 -7.37
C ASP B 50 12.44 -11.90 -7.13
N TYR B 51 12.65 -11.01 -6.21
CA TYR B 51 14.04 -10.52 -5.96
C TYR B 51 14.15 -10.24 -4.43
N PRO B 52 14.09 -11.24 -3.59
CA PRO B 52 14.14 -11.05 -2.13
C PRO B 52 15.53 -10.72 -1.54
N LYS B 53 16.29 -9.89 -2.21
CA LYS B 53 17.65 -9.51 -1.70
C LYS B 53 17.53 -8.12 -1.03
N LYS B 54 17.15 -8.11 0.20
CA LYS B 54 16.98 -6.84 0.99
C LYS B 54 18.02 -5.73 0.84
N GLU B 55 19.27 -6.11 0.66
CA GLU B 55 20.35 -5.06 0.53
C GLU B 55 20.15 -4.21 -0.70
N ASP B 56 19.39 -4.72 -1.62
CA ASP B 56 19.17 -3.94 -2.88
C ASP B 56 17.96 -3.01 -2.87
N TYR B 57 17.24 -2.90 -1.79
CA TYR B 57 16.06 -1.98 -1.82
C TYR B 57 16.32 -0.78 -0.95
N ILE B 58 15.68 0.30 -1.30
CA ILE B 58 15.83 1.58 -0.54
C ILE B 58 14.38 1.96 -0.21
N VAL B 59 14.16 2.53 0.93
CA VAL B 59 12.80 2.97 1.33
C VAL B 59 12.91 4.47 1.61
N TYR B 60 12.01 5.27 1.11
CA TYR B 60 12.02 6.73 1.35
C TYR B 60 10.65 7.03 1.94
N LEU B 61 10.66 7.93 2.87
CA LEU B 61 9.45 8.40 3.59
C LEU B 61 9.48 9.95 3.33
N GLY B 62 8.33 10.55 3.40
CA GLY B 62 8.16 12.00 3.19
C GLY B 62 8.46 12.36 1.71
N ARG B 63 8.13 11.50 0.80
CA ARG B 63 8.41 11.77 -0.64
C ARG B 63 7.16 12.11 -1.47
N SER B 64 7.11 13.27 -2.09
CA SER B 64 5.91 13.62 -2.92
C SER B 64 6.15 13.32 -4.39
N ARG B 65 7.39 13.24 -4.80
CA ARG B 65 7.68 12.94 -6.24
C ARG B 65 8.50 11.65 -6.29
N LEU B 66 8.37 10.99 -7.40
CA LEU B 66 9.05 9.69 -7.66
C LEU B 66 10.58 9.67 -7.91
N ASN B 67 11.07 10.54 -8.78
CA ASN B 67 12.57 10.55 -9.05
C ASN B 67 13.27 11.84 -8.69
N SER B 68 12.59 12.77 -8.10
CA SER B 68 13.23 14.05 -7.69
C SER B 68 13.04 14.04 -6.18
N ASN B 69 13.80 14.80 -5.45
CA ASN B 69 13.65 14.80 -3.97
C ASN B 69 12.62 15.81 -3.48
N THR B 70 12.15 15.55 -2.29
CA THR B 70 11.13 16.37 -1.58
C THR B 70 11.95 16.78 -0.36
N GLN B 71 11.71 17.93 0.15
CA GLN B 71 12.48 18.40 1.33
C GLN B 71 11.78 17.71 2.52
N GLY B 72 12.58 17.22 3.42
CA GLY B 72 12.09 16.52 4.64
C GLY B 72 12.10 15.01 4.47
N GLU B 73 12.37 14.55 3.28
CA GLU B 73 12.37 13.04 3.09
C GLU B 73 13.45 12.31 3.88
N MET B 74 13.19 11.06 4.18
CA MET B 74 14.18 10.23 4.95
C MET B 74 14.40 9.01 4.06
N LYS B 75 15.61 8.54 4.02
CA LYS B 75 16.04 7.37 3.20
C LYS B 75 16.41 6.26 4.20
N PHE B 76 16.00 5.05 3.91
CA PHE B 76 16.30 3.92 4.81
C PHE B 76 16.79 2.72 4.05
N GLU B 77 17.36 1.86 4.82
CA GLU B 77 17.90 0.60 4.28
C GLU B 77 16.88 -0.41 4.86
N VAL B 78 16.80 -1.56 4.27
CA VAL B 78 15.85 -2.60 4.74
C VAL B 78 16.69 -3.53 5.66
N GLU B 79 16.47 -3.42 6.95
CA GLU B 79 17.20 -4.25 7.95
C GLU B 79 16.63 -5.69 7.95
N ASN B 80 15.34 -5.80 7.81
CA ASN B 80 14.71 -7.15 7.79
C ASN B 80 13.61 -7.09 6.74
N LEU B 81 13.45 -8.16 6.01
CA LEU B 81 12.41 -8.24 4.94
C LEU B 81 11.65 -9.52 5.30
N ILE B 82 10.48 -9.35 5.82
CA ILE B 82 9.65 -10.51 6.21
C ILE B 82 8.53 -10.69 5.20
N LEU B 83 8.62 -11.79 4.50
CA LEU B 83 7.59 -12.09 3.48
C LEU B 83 6.67 -13.07 4.19
N HIS B 84 5.49 -13.23 3.68
CA HIS B 84 4.54 -14.17 4.34
C HIS B 84 4.83 -15.61 3.94
N LYS B 85 4.75 -16.45 4.92
CA LYS B 85 4.99 -17.91 4.67
C LYS B 85 3.56 -18.26 4.36
N ASP B 86 3.34 -18.85 3.24
CA ASP B 86 1.97 -19.28 2.75
C ASP B 86 1.53 -18.30 1.67
N TYR B 87 2.41 -17.47 1.22
CA TYR B 87 2.02 -16.49 0.14
C TYR B 87 1.84 -17.35 -1.11
N SER B 88 0.80 -17.13 -1.85
CA SER B 88 0.60 -17.93 -3.08
C SER B 88 -0.06 -17.07 -4.14
N ALA B 89 0.30 -17.24 -5.36
CA ALA B 89 -0.31 -16.44 -6.43
C ALA B 89 -0.81 -17.49 -7.37
N ASP B 90 -1.89 -17.21 -8.03
CA ASP B 90 -2.48 -18.17 -9.01
C ASP B 90 -2.73 -17.33 -10.24
N THR B 91 -3.62 -17.78 -11.07
CA THR B 91 -3.92 -17.03 -12.29
C THR B 91 -4.85 -15.90 -11.81
N LEU B 92 -4.27 -14.89 -11.22
CA LEU B 92 -4.92 -13.65 -10.66
C LEU B 92 -4.68 -13.34 -9.21
N ALA B 93 -5.34 -14.08 -8.37
CA ALA B 93 -5.13 -13.75 -6.95
C ALA B 93 -3.78 -14.09 -6.40
N HIS B 94 -3.49 -13.36 -5.36
CA HIS B 94 -2.26 -13.46 -4.59
C HIS B 94 -2.95 -13.70 -3.27
N HIS B 95 -2.49 -14.66 -2.52
CA HIS B 95 -3.08 -15.01 -1.21
C HIS B 95 -1.99 -14.64 -0.22
N ASN B 96 -2.40 -14.21 0.96
CA ASN B 96 -1.51 -13.79 2.07
C ASN B 96 -0.49 -12.85 1.47
N ASP B 97 -1.00 -11.84 0.82
CA ASP B 97 -0.10 -10.84 0.16
C ASP B 97 0.17 -9.64 1.05
N ILE B 98 1.04 -9.88 2.00
CA ILE B 98 1.43 -8.83 2.97
C ILE B 98 2.91 -9.09 3.29
N ALA B 99 3.70 -8.08 3.52
CA ALA B 99 5.17 -8.26 3.86
C ALA B 99 5.52 -7.11 4.78
N LEU B 100 6.55 -7.28 5.56
CA LEU B 100 6.98 -6.23 6.53
C LEU B 100 8.44 -5.92 6.20
N LEU B 101 8.84 -4.70 6.37
CA LEU B 101 10.24 -4.31 6.10
C LEU B 101 10.65 -3.53 7.32
N LYS B 102 11.75 -3.90 7.91
CA LYS B 102 12.18 -3.15 9.11
C LYS B 102 13.20 -2.24 8.44
N ILE B 103 13.10 -0.97 8.75
CA ILE B 103 14.00 0.05 8.18
C ILE B 103 15.05 0.59 9.16
N ARG B 104 16.14 1.03 8.64
CA ARG B 104 17.25 1.60 9.49
C ARG B 104 17.88 2.71 8.64
N SER B 105 18.17 3.86 9.16
CA SER B 105 18.79 4.88 8.27
C SER B 105 20.28 4.63 8.34
N LYS B 106 21.05 5.33 7.54
CA LYS B 106 22.53 5.14 7.57
C LYS B 106 23.11 5.52 8.91
N GLU B 107 22.37 6.25 9.69
CA GLU B 107 22.91 6.64 11.03
C GLU B 107 22.37 5.66 12.08
N GLY B 108 21.56 4.72 11.68
CA GLY B 108 21.02 3.74 12.65
C GLY B 108 19.72 4.10 13.31
N ARG B 109 18.97 4.99 12.75
CA ARG B 109 17.70 5.35 13.43
C ARG B 109 16.52 4.92 12.56
N CYS B 110 15.37 4.97 13.14
CA CYS B 110 14.14 4.59 12.43
C CYS B 110 13.52 5.94 12.07
N ALA B 111 12.30 5.93 11.58
CA ALA B 111 11.63 7.21 11.17
C ALA B 111 11.42 8.14 12.36
N GLN B 112 11.32 9.41 12.07
CA GLN B 112 11.13 10.49 13.07
C GLN B 112 9.84 11.18 12.58
N PRO B 113 8.98 11.69 13.43
CA PRO B 113 7.67 12.24 12.97
C PRO B 113 7.86 13.67 12.45
N SER B 114 7.18 14.04 11.41
CA SER B 114 7.31 15.43 10.87
C SER B 114 5.95 15.77 10.30
N ARG B 115 5.86 16.80 9.51
CA ARG B 115 4.52 17.14 8.94
C ARG B 115 4.37 16.24 7.72
N THR B 116 5.43 15.58 7.33
CA THR B 116 5.32 14.68 6.13
C THR B 116 5.52 13.22 6.47
N ILE B 117 5.83 12.91 7.69
CA ILE B 117 6.04 11.47 8.11
C ILE B 117 5.21 11.17 9.36
N GLN B 118 4.18 10.38 9.20
CA GLN B 118 3.27 9.98 10.33
C GLN B 118 2.98 8.49 10.17
N THR B 119 2.51 7.84 11.20
CA THR B 119 2.20 6.38 11.06
C THR B 119 0.72 6.31 10.77
N ILE B 120 0.24 5.19 10.35
CA ILE B 120 -1.21 5.03 10.06
C ILE B 120 -1.65 4.01 11.14
N CYS B 121 -2.90 3.97 11.48
CA CYS B 121 -3.36 3.02 12.52
C CYS B 121 -3.72 1.65 11.98
N LEU B 122 -3.63 0.67 12.83
CA LEU B 122 -3.95 -0.75 12.47
C LEU B 122 -5.36 -0.88 12.99
N PRO B 123 -6.18 -1.65 12.30
CA PRO B 123 -7.55 -1.96 12.78
C PRO B 123 -7.48 -2.91 13.97
N SER B 124 -8.62 -3.13 14.58
CA SER B 124 -8.63 -4.07 15.73
C SER B 124 -8.91 -5.39 15.01
N MET B 125 -8.68 -6.45 15.73
CA MET B 125 -8.87 -7.84 15.22
C MET B 125 -10.16 -7.95 14.40
N TYR B 126 -10.03 -8.52 13.23
CA TYR B 126 -11.17 -8.74 12.29
C TYR B 126 -12.20 -7.61 12.34
N ASN B 127 -11.77 -6.39 12.52
CA ASN B 127 -12.77 -5.28 12.56
C ASN B 127 -12.55 -4.51 11.27
N ASP B 128 -13.59 -4.36 10.50
CA ASP B 128 -13.55 -3.64 9.19
C ASP B 128 -14.66 -2.62 9.11
N PRO B 129 -14.52 -1.66 8.23
CA PRO B 129 -15.65 -0.71 7.89
C PRO B 129 -16.77 -1.50 7.18
N GLN B 130 -17.97 -0.98 7.08
CA GLN B 130 -19.05 -1.77 6.40
C GLN B 130 -18.92 -1.46 4.94
N PHE B 131 -19.47 -2.31 4.12
CA PHE B 131 -19.31 -2.00 2.67
C PHE B 131 -20.10 -0.70 2.46
N GLY B 132 -19.67 0.01 1.45
CA GLY B 132 -20.32 1.30 1.15
C GLY B 132 -19.33 2.37 1.63
N THR B 133 -18.56 2.11 2.64
CA THR B 133 -17.59 3.13 3.10
C THR B 133 -16.64 3.55 1.95
N SER B 134 -16.34 4.83 1.91
CA SER B 134 -15.44 5.40 0.88
C SER B 134 -14.10 5.40 1.57
N CYS B 135 -13.10 4.89 0.91
CA CYS B 135 -11.71 4.83 1.47
C CYS B 135 -10.82 5.46 0.40
N GLU B 136 -9.62 5.80 0.74
CA GLU B 136 -8.77 6.41 -0.30
C GLU B 136 -7.57 5.52 -0.48
N ILE B 137 -7.01 5.58 -1.65
CA ILE B 137 -5.82 4.80 -2.01
C ILE B 137 -4.89 5.89 -2.54
N THR B 138 -3.63 5.67 -2.42
CA THR B 138 -2.65 6.64 -2.89
C THR B 138 -1.44 5.89 -3.49
N GLY B 139 -0.74 6.53 -4.38
CA GLY B 139 0.44 5.84 -4.96
C GLY B 139 0.99 6.53 -6.19
N PHE B 140 2.04 5.92 -6.66
CA PHE B 140 2.82 6.35 -7.87
C PHE B 140 2.58 5.31 -8.99
N GLY B 141 1.49 4.59 -8.94
CA GLY B 141 1.27 3.57 -10.02
C GLY B 141 0.71 4.18 -11.32
N LYS B 142 0.68 3.36 -12.33
CA LYS B 142 0.18 3.77 -13.66
C LYS B 142 -1.11 4.59 -13.63
N GLU B 143 -1.21 5.43 -14.64
CA GLU B 143 -2.39 6.34 -14.82
C GLU B 143 -3.30 5.78 -15.92
N ALA B 144 -2.78 4.88 -16.70
CA ALA B 144 -3.56 4.22 -17.79
C ALA B 144 -2.91 2.84 -17.84
N SER B 145 -3.64 1.80 -18.09
CA SER B 145 -3.03 0.43 -18.14
C SER B 145 -1.98 0.28 -19.25
N THR B 146 -2.05 1.08 -20.27
CA THR B 146 -1.09 1.00 -21.40
C THR B 146 0.20 1.79 -21.18
N ASP B 147 0.24 2.56 -20.12
CA ASP B 147 1.50 3.34 -19.89
C ASP B 147 2.62 2.36 -19.56
N TYR B 148 3.85 2.75 -19.74
CA TYR B 148 5.00 1.86 -19.43
C TYR B 148 5.87 2.60 -18.41
N LEU B 149 5.47 3.79 -18.04
CA LEU B 149 6.20 4.65 -17.04
C LEU B 149 5.21 4.96 -15.91
N TYR B 150 5.77 5.40 -14.84
CA TYR B 150 4.99 5.78 -13.62
C TYR B 150 4.98 7.33 -13.53
N PRO B 151 3.92 7.90 -13.01
CA PRO B 151 3.86 9.38 -12.80
C PRO B 151 4.98 9.81 -11.86
N GLU B 152 5.26 11.08 -11.92
CA GLU B 152 6.33 11.66 -11.08
C GLU B 152 5.70 12.21 -9.81
N GLN B 153 4.48 12.59 -9.92
CA GLN B 153 3.77 13.18 -8.75
C GLN B 153 2.85 12.14 -8.15
N LEU B 154 2.76 12.22 -6.85
CA LEU B 154 1.91 11.28 -6.06
C LEU B 154 0.43 11.51 -6.37
N LYS B 155 -0.33 10.45 -6.42
CA LYS B 155 -1.79 10.60 -6.72
C LYS B 155 -2.59 9.95 -5.61
N MET B 156 -3.84 10.25 -5.65
CA MET B 156 -4.78 9.72 -4.66
C MET B 156 -6.10 9.63 -5.35
N THR B 157 -7.00 8.94 -4.74
CA THR B 157 -8.35 8.82 -5.31
C THR B 157 -9.14 8.12 -4.19
N VAL B 158 -10.45 8.14 -4.36
CA VAL B 158 -11.40 7.55 -3.41
C VAL B 158 -12.15 6.43 -4.12
N VAL B 159 -12.28 5.36 -3.44
CA VAL B 159 -12.99 4.18 -3.98
C VAL B 159 -13.94 3.73 -2.82
N LYS B 160 -14.86 2.86 -3.11
CA LYS B 160 -15.82 2.35 -2.09
C LYS B 160 -15.60 0.88 -1.89
N LEU B 161 -15.77 0.51 -0.66
CA LEU B 161 -15.60 -0.94 -0.31
C LEU B 161 -16.88 -1.61 -0.84
N ILE B 162 -16.77 -2.77 -1.41
CA ILE B 162 -18.00 -3.46 -1.93
C ILE B 162 -18.02 -4.77 -1.09
N SER B 163 -19.12 -5.44 -1.04
CA SER B 163 -19.21 -6.70 -0.25
C SER B 163 -18.60 -7.90 -0.96
N HIS B 164 -18.39 -8.97 -0.23
CA HIS B 164 -17.80 -10.20 -0.82
C HIS B 164 -18.85 -10.78 -1.74
N ARG B 165 -20.08 -10.70 -1.31
CA ARG B 165 -21.14 -11.25 -2.20
C ARG B 165 -21.03 -10.63 -3.59
N GLU B 166 -20.90 -9.33 -3.61
CA GLU B 166 -20.79 -8.64 -4.93
C GLU B 166 -19.52 -9.02 -5.67
N CYS B 167 -18.43 -9.01 -4.98
CA CYS B 167 -17.14 -9.36 -5.63
C CYS B 167 -17.05 -10.79 -6.12
N GLN B 168 -17.62 -11.71 -5.37
CA GLN B 168 -17.57 -13.13 -5.77
C GLN B 168 -18.60 -13.50 -6.78
N GLN B 169 -19.21 -12.53 -7.39
CA GLN B 169 -20.22 -12.93 -8.40
C GLN B 169 -19.35 -13.50 -9.52
N PRO B 170 -19.83 -14.49 -10.22
CA PRO B 170 -19.06 -15.21 -11.27
C PRO B 170 -18.46 -14.27 -12.27
N HIS B 171 -19.24 -13.27 -12.60
CA HIS B 171 -18.75 -12.29 -13.60
C HIS B 171 -17.91 -11.15 -13.04
N TYR B 172 -17.38 -11.36 -11.87
CA TYR B 172 -16.50 -10.39 -11.17
C TYR B 172 -15.33 -11.33 -10.97
N TYR B 173 -15.03 -11.77 -9.77
CA TYR B 173 -13.87 -12.68 -9.57
C TYR B 173 -14.25 -14.06 -9.04
N GLY B 174 -15.51 -14.33 -8.93
CA GLY B 174 -15.90 -15.66 -8.42
C GLY B 174 -15.21 -15.95 -7.09
N SER B 175 -14.79 -17.18 -6.93
CA SER B 175 -14.12 -17.62 -5.68
C SER B 175 -12.65 -17.24 -5.56
N GLU B 176 -12.13 -16.51 -6.52
CA GLU B 176 -10.68 -16.11 -6.44
C GLU B 176 -10.55 -15.16 -5.25
N VAL B 177 -11.65 -14.49 -4.92
CA VAL B 177 -11.61 -13.53 -3.78
C VAL B 177 -12.03 -14.33 -2.53
N THR B 178 -11.21 -14.28 -1.53
CA THR B 178 -11.46 -14.99 -0.26
C THR B 178 -11.79 -14.02 0.87
N THR B 179 -11.95 -14.57 2.02
CA THR B 179 -12.29 -13.83 3.28
C THR B 179 -11.12 -13.00 3.83
N LYS B 180 -9.95 -13.28 3.34
CA LYS B 180 -8.73 -12.55 3.78
C LYS B 180 -8.43 -11.42 2.77
N MET B 181 -9.41 -11.14 1.97
CA MET B 181 -9.35 -10.09 0.91
C MET B 181 -10.59 -9.20 1.04
N LEU B 182 -10.44 -8.04 0.49
CA LEU B 182 -11.50 -6.96 0.45
C LEU B 182 -11.48 -6.44 -0.97
N CYS B 183 -12.60 -6.03 -1.46
CA CYS B 183 -12.69 -5.49 -2.86
C CYS B 183 -13.15 -4.08 -2.72
N ALA B 184 -12.63 -3.22 -3.53
CA ALA B 184 -13.04 -1.80 -3.46
C ALA B 184 -13.11 -1.31 -4.89
N ALA B 185 -14.14 -0.60 -5.27
CA ALA B 185 -14.22 -0.11 -6.67
C ALA B 185 -14.89 1.26 -6.69
N ASP B 186 -14.90 1.81 -7.85
CA ASP B 186 -15.52 3.15 -8.04
C ASP B 186 -16.85 2.79 -8.66
N PRO B 187 -17.95 3.26 -8.12
CA PRO B 187 -19.30 3.06 -8.72
C PRO B 187 -19.36 3.18 -10.23
N GLN B 188 -18.57 4.09 -10.75
CA GLN B 188 -18.60 4.24 -12.24
C GLN B 188 -17.42 3.64 -12.97
N TRP B 189 -16.64 2.89 -12.24
CA TRP B 189 -15.43 2.21 -12.78
C TRP B 189 -14.59 3.22 -13.57
N LYS B 190 -14.39 4.32 -12.93
CA LYS B 190 -13.62 5.45 -13.53
C LYS B 190 -12.25 5.60 -12.93
N THR B 191 -12.16 5.55 -11.64
CA THR B 191 -10.83 5.68 -10.97
C THR B 191 -10.52 4.31 -10.29
N ASP B 192 -9.25 4.06 -10.01
CA ASP B 192 -8.83 2.75 -9.38
C ASP B 192 -7.33 2.75 -9.15
N SER B 193 -6.83 1.67 -8.59
CA SER B 193 -5.38 1.52 -8.33
C SER B 193 -4.97 0.70 -9.58
N CYS B 194 -3.70 0.63 -9.84
CA CYS B 194 -3.17 -0.12 -11.00
C CYS B 194 -1.76 -0.54 -10.61
N GLN B 195 -1.06 -1.15 -11.51
CA GLN B 195 0.34 -1.61 -11.29
C GLN B 195 1.15 -0.46 -10.75
N GLY B 196 1.95 -0.74 -9.76
CA GLY B 196 2.79 0.35 -9.17
C GLY B 196 2.19 0.86 -7.89
N ASP B 197 0.89 0.74 -7.79
CA ASP B 197 0.22 1.22 -6.53
C ASP B 197 0.33 0.03 -5.50
N SER B 198 0.58 -1.13 -6.06
CA SER B 198 0.76 -2.42 -5.35
C SER B 198 1.51 -2.21 -4.01
N GLY B 199 1.05 -2.80 -2.94
CA GLY B 199 1.75 -2.64 -1.64
C GLY B 199 1.27 -1.46 -0.86
N GLY B 200 0.74 -0.49 -1.57
CA GLY B 200 0.26 0.71 -0.88
C GLY B 200 -1.05 0.53 -0.08
N PRO B 201 -1.46 1.60 0.55
CA PRO B 201 -2.59 1.58 1.49
C PRO B 201 -3.94 1.92 0.92
N LEU B 202 -4.89 1.37 1.61
CA LEU B 202 -6.34 1.53 1.36
C LEU B 202 -6.66 2.08 2.79
N VAL B 203 -6.98 3.34 2.91
CA VAL B 203 -7.29 3.95 4.26
C VAL B 203 -8.75 4.37 4.39
N CYS B 204 -9.31 3.96 5.48
CA CYS B 204 -10.73 4.27 5.78
C CYS B 204 -10.77 4.73 7.19
N SER B 205 -11.82 5.38 7.56
CA SER B 205 -11.91 5.85 8.95
C SER B 205 -12.69 4.73 9.66
N LEU B 206 -12.11 4.27 10.73
CA LEU B 206 -12.69 3.20 11.54
C LEU B 206 -12.70 3.69 12.95
N GLN B 207 -13.87 3.74 13.53
CA GLN B 207 -14.00 4.17 14.93
C GLN B 207 -13.32 5.51 15.19
N GLY B 208 -13.39 6.37 14.22
CA GLY B 208 -12.76 7.72 14.39
C GLY B 208 -11.32 7.84 13.95
N ARG B 209 -10.67 6.76 13.66
CA ARG B 209 -9.23 6.87 13.24
C ARG B 209 -9.07 6.52 11.77
N MET B 210 -7.98 6.95 11.23
CA MET B 210 -7.71 6.63 9.79
C MET B 210 -6.95 5.36 10.07
N THR B 211 -7.51 4.35 9.49
CA THR B 211 -6.98 2.99 9.60
C THR B 211 -6.57 2.42 8.22
N LEU B 212 -5.56 1.62 8.34
CA LEU B 212 -4.98 0.93 7.18
C LEU B 212 -5.98 -0.27 7.03
N THR B 213 -6.95 -0.20 6.17
CA THR B 213 -7.89 -1.33 6.03
C THR B 213 -7.39 -2.38 5.00
N GLY B 214 -6.73 -1.93 3.96
CA GLY B 214 -6.23 -2.88 2.92
C GLY B 214 -4.87 -2.48 2.34
N ILE B 215 -4.28 -3.41 1.64
CA ILE B 215 -2.97 -3.24 0.98
C ILE B 215 -3.29 -3.55 -0.49
N VAL B 216 -2.91 -2.70 -1.39
CA VAL B 216 -3.19 -2.91 -2.84
C VAL B 216 -2.53 -4.25 -3.23
N SER B 217 -3.31 -5.20 -3.68
CA SER B 217 -2.76 -6.52 -4.07
C SER B 217 -2.92 -6.87 -5.60
N TRP B 218 -4.12 -7.12 -6.06
CA TRP B 218 -4.32 -7.49 -7.49
C TRP B 218 -5.64 -7.02 -8.09
N GLY B 219 -5.84 -7.30 -9.33
CA GLY B 219 -7.09 -6.89 -9.99
C GLY B 219 -6.94 -7.17 -11.49
N ARG B 220 -8.02 -7.34 -12.19
CA ARG B 220 -7.90 -7.62 -13.64
C ARG B 220 -7.95 -6.24 -14.30
N GLY B 221 -6.93 -5.97 -15.05
CA GLY B 221 -6.86 -4.67 -15.74
C GLY B 221 -6.83 -3.60 -14.64
N CYS B 222 -7.23 -2.44 -15.02
CA CYS B 222 -7.28 -1.29 -14.09
C CYS B 222 -8.46 -0.51 -14.62
N ALA B 223 -9.30 -0.17 -13.67
CA ALA B 223 -10.56 0.61 -13.87
C ALA B 223 -11.42 -0.17 -14.87
N LEU B 224 -11.48 -1.48 -14.73
CA LEU B 224 -12.32 -2.25 -15.66
C LEU B 224 -13.65 -2.46 -14.96
N LYS B 225 -14.68 -2.43 -15.76
CA LYS B 225 -16.04 -2.60 -15.22
C LYS B 225 -16.11 -4.03 -14.71
N ASP B 226 -16.74 -4.13 -13.57
CA ASP B 226 -16.96 -5.40 -12.83
C ASP B 226 -15.67 -6.08 -12.42
N LYS B 227 -14.59 -5.34 -12.40
CA LYS B 227 -13.25 -5.91 -12.00
C LYS B 227 -12.70 -4.94 -10.92
N PRO B 228 -13.18 -5.07 -9.71
CA PRO B 228 -12.73 -4.22 -8.58
C PRO B 228 -11.22 -4.42 -8.32
N GLY B 229 -10.72 -3.71 -7.37
CA GLY B 229 -9.30 -3.86 -7.04
C GLY B 229 -9.47 -4.75 -5.82
N VAL B 230 -8.54 -5.65 -5.60
CA VAL B 230 -8.64 -6.56 -4.42
C VAL B 230 -7.42 -6.17 -3.54
N TYR B 231 -7.72 -6.05 -2.28
CA TYR B 231 -6.75 -5.66 -1.22
C TYR B 231 -6.63 -6.75 -0.17
N THR B 232 -5.47 -6.87 0.43
CA THR B 232 -5.25 -7.90 1.51
C THR B 232 -6.08 -7.29 2.66
N ARG B 233 -6.74 -8.13 3.40
CA ARG B 233 -7.60 -7.65 4.54
C ARG B 233 -6.75 -7.67 5.77
N VAL B 234 -6.19 -6.52 6.03
CA VAL B 234 -5.29 -6.28 7.19
C VAL B 234 -5.84 -6.73 8.57
N SER B 235 -7.09 -6.49 8.83
CA SER B 235 -7.76 -6.87 10.12
C SER B 235 -7.65 -8.36 10.40
N HIS B 236 -7.42 -9.13 9.37
CA HIS B 236 -7.30 -10.60 9.54
C HIS B 236 -5.86 -11.03 9.65
N PHE B 237 -4.93 -10.13 9.53
CA PHE B 237 -3.49 -10.52 9.63
C PHE B 237 -2.82 -10.00 10.88
N LEU B 238 -3.56 -9.31 11.70
CA LEU B 238 -2.99 -8.75 12.95
C LEU B 238 -2.12 -9.69 13.78
N PRO B 239 -2.48 -10.93 14.01
CA PRO B 239 -1.58 -11.88 14.74
C PRO B 239 -0.21 -11.99 14.06
N TRP B 240 -0.27 -12.18 12.78
CA TRP B 240 0.96 -12.32 11.96
C TRP B 240 1.79 -11.03 12.13
N ILE B 241 1.15 -9.91 12.00
CA ILE B 241 1.92 -8.64 12.14
C ILE B 241 2.55 -8.64 13.55
N ARG B 242 1.71 -8.78 14.55
CA ARG B 242 2.20 -8.80 15.95
C ARG B 242 3.43 -9.72 16.06
N SER B 243 3.24 -10.94 15.71
CA SER B 243 4.37 -11.91 15.77
C SER B 243 5.72 -11.28 15.41
N HIS B 244 5.75 -10.45 14.42
CA HIS B 244 7.05 -9.82 14.02
C HIS B 244 7.26 -8.41 14.52
N THR B 245 6.21 -7.74 14.82
CA THR B 245 6.30 -6.34 15.31
C THR B 245 5.88 -6.32 16.79
N LYS B 246 6.77 -6.79 17.62
CA LYS B 246 6.52 -6.83 19.08
C LYS B 246 7.72 -6.02 19.63
C1 CIT C . 19.47 10.32 -2.09
O1 CIT C . 19.95 9.22 -1.92
O2 CIT C . 18.27 10.52 -2.18
C2 CIT C . 20.36 11.58 -2.24
C3 CIT C . 21.93 11.37 -2.55
O7 CIT C . 22.40 10.64 -1.43
C4 CIT C . 22.67 12.77 -2.56
C5 CIT C . 24.20 12.64 -2.72
O3 CIT C . 24.61 12.60 -3.85
O4 CIT C . 24.93 12.58 -1.75
C6 CIT C . 22.28 10.50 -3.81
O5 CIT C . 21.72 10.74 -4.86
O6 CIT C . 23.12 9.63 -3.64
H21 CIT C . 19.95 12.20 -3.01
H22 CIT C . 20.28 12.13 -1.31
HO7 CIT C . 22.14 9.78 -1.79
H41 CIT C . 22.28 13.37 -3.36
H42 CIT C . 22.47 13.29 -1.64
C1 CIT D . 24.21 8.18 1.49
O1 CIT D . 23.17 8.14 2.12
O2 CIT D . 25.15 8.91 1.79
C2 CIT D . 24.39 7.25 0.23
C3 CIT D . 24.42 7.96 -1.21
O7 CIT D . 23.10 8.37 -1.49
C4 CIT D . 24.68 6.88 -2.31
C5 CIT D . 23.74 5.70 -2.40
O3 CIT D . 24.31 4.94 -3.15
O4 CIT D . 22.66 5.53 -1.84
C6 CIT D . 25.47 9.11 -1.39
O5 CIT D . 26.56 9.00 -0.88
O6 CIT D . 25.11 10.07 -2.05
H21 CIT D . 25.32 6.71 0.34
H22 CIT D . 23.60 6.52 0.24
HO7 CIT D . 22.70 7.49 -1.41
H41 CIT D . 24.64 7.36 -3.28
H42 CIT D . 25.68 6.50 -2.18
C1 134 E . -5.24 -3.50 -9.52
C2 134 E . -4.71 -3.69 -8.20
F2 134 E . -5.52 -3.43 -7.10
C3 134 E . -3.40 -4.14 -7.99
C4 134 E . -2.66 -4.42 -9.10
C5 134 E . -3.07 -4.21 -10.36
C6 134 E . -4.34 -3.77 -10.60
C7 134 E . -6.54 -3.03 -9.79
N1 134 E . -7.10 -3.27 -10.96
N2 134 E . -7.18 -2.38 -8.86
N3 134 E . -1.38 -4.80 -9.20
CN4 134 E . -2.05 -4.52 -11.11
C8 134 E . -0.99 -4.95 -10.45
C1' 134 E . 0.29 -5.43 -10.81
C2' 134 E . 0.58 -5.69 -12.16
C3' 134 E . 1.82 -6.18 -12.54
C4' 134 E . 2.79 -6.40 -11.61
C5' 134 E . 2.47 -6.16 -10.31
C6' 134 E . 1.28 -5.68 -9.87
O6' 134 E . 1.03 -5.45 -8.52
O5' 134 E . 3.45 -6.44 -9.35
C1B 134 E . 5.01 -4.65 -9.41
C1B 134 E . 5.78 -7.04 -8.79
C2B 134 E . 6.51 -4.48 -9.14
C2B 134 E . 7.29 -6.62 -8.84
C3B 134 E . 7.07 -5.53 -8.14
C3B 134 E . 7.46 -5.21 -8.31
C4B 134 E . 6.80 -7.04 -8.53
C4B 134 E . 6.51 -4.27 -9.05
C5B 134 E . 5.51 -7.09 -9.30
C5B 134 E . 5.05 -4.66 -8.83
C6B 134 E . 4.72 -5.95 -8.76
C6B 134 E . 4.80 -6.02 -9.50
CM 134 E . 4.28 -3.50 -8.78
CM 134 E . 5.71 -8.36 -9.50
HC3 134 E . -3.00 -4.28 -7.01
HC6 134 E . -4.68 -3.66 -11.63
HH11 134 E . -6.56 -3.71 -11.69
HH12 134 E . -8.03 -3.00 -11.23
HH21 134 E . -6.71 -2.12 -8.00
HN3 134 E . -0.79 -5.04 -8.46
HN4 134 E . -1.97 -4.45 -12.15
HC'2 134 E . -0.17 -5.54 -12.93
HC'3 134 E . 2.04 -6.38 -13.58
HC'4 134 E . 3.77 -6.77 -11.90
H1' 134 E . 4.82 -4.65 -10.49
H1' 134 E . 5.47 -7.16 -7.77
H2'1 134 E . 7.08 -4.59 -10.05
H2'1 134 E . 7.87 -7.28 -8.21
H2'2 134 E . 6.70 -3.49 -8.75
H2'2 134 E . 7.68 -6.67 -9.84
H3'1 134 E . 7.15 -5.05 -7.17
H3'1 134 E . 8.48 -4.89 -8.50
H3'2 134 E . 8.01 -5.78 -8.40
H3'2 134 E . 7.29 -5.17 -7.24
H4'1 134 E . 7.63 -7.38 -9.22
H4'1 134 E . 6.67 -3.28 -8.69
H4'2 134 E . 6.82 -7.80 -7.73
H4'2 134 E . 6.74 -4.31 -10.11
H5'1 134 E . 5.10 -8.09 -9.27
H5'1 134 E . 4.40 -3.91 -9.28
H5'2 134 E . 5.72 -6.83 -10.33
H5'2 134 E . 4.83 -4.71 -7.77
H6' 134 E . 4.50 -5.96 -7.70
H6' 134 E . 5.12 -5.95 -10.56
HM1 134 E . 3.22 -3.62 -8.86
HM1 134 E . 4.68 -8.66 -9.60
HM2 134 E . 4.56 -3.43 -7.75
HM2 134 E . 6.15 -8.27 -10.48
HM3 134 E . 4.58 -2.61 -9.30
HM3 134 E . 6.25 -9.08 -8.93
HH22 134 E . -8.12 -2.03 -8.98
#